data_6Z53
#
_entry.id   6Z53
#
_cell.length_a   88.995
_cell.length_b   62.500
_cell.length_c   76.027
_cell.angle_alpha   90.000
_cell.angle_beta   97.670
_cell.angle_gamma   90.000
#
_symmetry.space_group_name_H-M   'C 1 2 1'
#
loop_
_entity.id
_entity.type
_entity.pdbx_description
1 polymer 'Dual specificity protein kinase CLK3'
2 non-polymer 1,2-ETHANEDIOL
3 non-polymer 'PHOSPHATE ION'
4 non-polymer 6-(2-methoxyethoxy)-11,15-dimethyl-8-oxa-2,11,15,19,21,23-hexazatetracyclo[15.6.1.13,7.020,24]pentacosa-1(23),3(25),4,6,17,20(24),21-heptaen-10-one
5 water water
#
_entity_poly.entity_id   1
_entity_poly.type   'polypeptide(L)'
_entity_poly.pdbx_seq_one_letter_code
;SMQSSKRSSRSVEDDKEGHLVCRIGDWLQERYEIVGNLGEGTFGKVVECLDHARGKSQVALKIIRNVGKYREAARLEINV
LKKIKEKDKENKFLCVLMSDWFNFHGHMCIAFELLGKNTFEFLKENNFQPYPLPHVRHMAYQLCHALRFLHENQLTHTDL
KPENILFVNSEFETLYNEHKSCEEKSVKNTSIRVADFGSATFDHEHHTTIVATRHYRPPEVILELGWAQPCDVWSIGCIL
FEYYRGFTLFQTHENREHLVMMEKILGPIPSHMIHRTRKQKYFYKGGLVWDENSSDGRYVKENCKPLKSYMLQDSLEHVQ
LFDLMRRMLEFDPAQRITLAEALLHPFFAGLTPEERSFHT
;
_entity_poly.pdbx_strand_id   A
#
# COMPACT_ATOMS: atom_id res chain seq x y z
N ARG A 10 33.07 19.53 9.07
CA ARG A 10 32.67 18.32 9.85
C ARG A 10 32.69 17.10 8.95
N SER A 11 33.11 15.98 9.51
CA SER A 11 33.13 14.68 8.84
C SER A 11 31.73 14.15 8.58
N VAL A 12 31.59 13.25 7.59
CA VAL A 12 30.33 12.57 7.38
C VAL A 12 30.41 11.31 8.22
N GLU A 13 29.39 11.05 9.03
CA GLU A 13 29.37 9.91 9.92
C GLU A 13 28.17 9.04 9.65
N ASP A 14 28.43 7.74 9.75
CA ASP A 14 27.40 6.70 9.67
C ASP A 14 27.37 5.87 10.96
N ASP A 15 26.18 5.42 11.37
CA ASP A 15 26.02 4.53 12.49
C ASP A 15 26.32 3.08 12.12
N LYS A 16 26.22 2.21 13.12
CA LYS A 16 26.64 0.82 12.96
C LYS A 16 25.83 0.03 11.93
N GLU A 17 24.65 0.54 11.57
CA GLU A 17 23.82 -0.07 10.51
C GLU A 17 24.00 0.65 9.14
N GLY A 18 24.94 1.60 9.02
CA GLY A 18 25.09 2.30 7.75
C GLY A 18 24.18 3.50 7.56
N HIS A 19 23.40 3.86 8.58
CA HIS A 19 22.55 5.04 8.43
C HIS A 19 23.37 6.31 8.51
N LEU A 20 23.05 7.32 7.71
CA LEU A 20 23.70 8.63 7.86
C LEU A 20 23.32 9.26 9.21
N VAL A 21 24.31 9.80 9.92
CA VAL A 21 24.06 10.60 11.11
C VAL A 21 23.69 11.97 10.61
N CYS A 22 22.43 12.37 10.86
CA CYS A 22 21.82 13.63 10.34
C CYS A 22 21.59 14.68 11.41
N ARG A 23 21.97 15.92 11.09
CA ARG A 23 21.92 17.00 12.03
C ARG A 23 21.15 18.12 11.38
N ILE A 24 20.16 18.61 12.11
CA ILE A 24 19.43 19.83 11.79
C ILE A 24 20.41 20.97 11.60
N GLY A 25 20.26 21.69 10.49
CA GLY A 25 21.21 22.73 10.12
C GLY A 25 22.21 22.31 9.08
N ASP A 26 22.46 21.01 8.93
CA ASP A 26 23.35 20.53 7.87
C ASP A 26 22.77 20.65 6.49
N TRP A 27 23.66 20.86 5.51
CA TRP A 27 23.31 21.02 4.09
C TRP A 27 23.89 19.87 3.30
N LEU A 28 23.18 19.44 2.25
CA LEU A 28 23.66 18.44 1.35
C LEU A 28 23.64 19.06 -0.04
N GLN A 29 24.61 18.70 -0.90
CA GLN A 29 24.70 19.18 -2.34
C GLN A 29 24.74 20.72 -2.48
N GLU A 30 25.13 21.38 -1.37
CA GLU A 30 25.19 22.81 -1.25
C GLU A 30 23.83 23.43 -1.50
N ARG A 31 22.77 22.77 -1.00
CA ARG A 31 21.41 23.02 -1.45
C ARG A 31 20.29 22.68 -0.44
N TYR A 32 20.31 21.49 0.12
CA TYR A 32 19.24 21.00 0.99
C TYR A 32 19.55 21.20 2.46
N GLU A 33 18.80 22.05 3.13
CA GLU A 33 19.01 22.28 4.57
C GLU A 33 18.09 21.40 5.39
N ILE A 34 18.64 20.55 6.25
CA ILE A 34 17.79 19.69 7.09
C ILE A 34 17.05 20.45 8.18
N VAL A 35 15.75 20.27 8.25
CA VAL A 35 14.91 20.99 9.17
C VAL A 35 14.05 20.13 10.08
N GLY A 36 14.04 18.82 9.82
CA GLY A 36 13.30 17.88 10.64
C GLY A 36 13.56 16.40 10.28
N ASN A 37 13.30 15.51 11.22
CA ASN A 37 13.33 14.05 10.95
C ASN A 37 11.87 13.58 10.81
N LEU A 38 11.54 12.80 9.77
CA LEU A 38 10.18 12.37 9.52
C LEU A 38 10.00 10.89 9.88
N GLY A 39 11.02 10.09 9.64
CA GLY A 39 10.93 8.64 9.96
C GLY A 39 12.15 7.86 9.63
N GLU A 40 12.16 6.59 10.03
CA GLU A 40 13.26 5.70 9.80
C GLU A 40 12.69 4.32 9.49
N GLY A 41 13.34 3.62 8.58
CA GLY A 41 13.06 2.21 8.36
C GLY A 41 14.29 1.40 8.10
N THR A 42 14.09 0.18 7.57
CA THR A 42 15.26 -0.67 7.37
C THR A 42 16.12 -0.22 6.18
N PHE A 43 15.57 0.62 5.31
CA PHE A 43 16.26 1.17 4.14
C PHE A 43 17.14 2.38 4.46
N GLY A 44 16.88 3.04 5.57
CA GLY A 44 17.42 4.41 5.80
C GLY A 44 16.42 5.31 6.49
N LYS A 45 16.45 6.62 6.17
CA LYS A 45 15.74 7.60 6.90
C LYS A 45 15.03 8.53 5.95
N VAL A 46 13.98 9.16 6.44
CA VAL A 46 13.32 10.23 5.72
C VAL A 46 13.42 11.52 6.54
N VAL A 47 13.87 12.59 5.89
CA VAL A 47 14.05 13.86 6.56
C VAL A 47 13.41 14.99 5.79
N GLU A 48 12.99 15.99 6.54
CA GLU A 48 12.35 17.15 5.94
C GLU A 48 13.43 18.21 5.69
N CYS A 49 13.45 18.79 4.48
CA CYS A 49 14.50 19.77 4.14
C CYS A 49 13.82 21.00 3.50
N LEU A 50 14.60 22.08 3.44
CA LEU A 50 14.26 23.23 2.63
C LEU A 50 15.25 23.22 1.47
N ASP A 51 14.77 23.40 0.24
CA ASP A 51 15.61 23.47 -0.96
C ASP A 51 15.99 24.90 -1.32
N HIS A 52 17.22 25.30 -0.95
CA HIS A 52 17.64 26.64 -1.13
C HIS A 52 17.96 27.05 -2.54
N ALA A 53 17.99 26.11 -3.50
CA ALA A 53 18.14 26.43 -4.93
C ALA A 53 16.77 26.56 -5.63
N ARG A 54 15.68 26.34 -4.89
CA ARG A 54 14.35 26.47 -5.43
C ARG A 54 13.44 27.25 -4.48
N GLY A 55 13.95 28.33 -3.94
CA GLY A 55 13.18 29.26 -3.10
C GLY A 55 12.76 28.73 -1.74
N LYS A 56 13.59 27.87 -1.14
CA LYS A 56 13.29 27.29 0.16
C LYS A 56 11.98 26.49 0.16
N SER A 57 11.76 25.80 -0.95
CA SER A 57 10.65 24.87 -1.10
CA SER A 57 10.63 24.89 -1.05
C SER A 57 10.84 23.69 -0.12
N GLN A 58 9.73 23.09 0.29
CA GLN A 58 9.75 21.99 1.25
C GLN A 58 9.94 20.70 0.51
N VAL A 59 10.86 19.88 1.01
CA VAL A 59 11.23 18.58 0.39
C VAL A 59 11.20 17.51 1.47
N ALA A 60 10.82 16.28 1.08
CA ALA A 60 11.17 15.07 1.87
C ALA A 60 12.29 14.35 1.19
N LEU A 61 13.40 14.13 1.90
CA LEU A 61 14.56 13.47 1.33
C LEU A 61 14.63 12.07 1.91
N LYS A 62 14.62 11.07 1.05
CA LYS A 62 14.87 9.68 1.49
C LYS A 62 16.34 9.44 1.39
N ILE A 63 16.96 9.16 2.53
CA ILE A 63 18.41 8.99 2.61
C ILE A 63 18.66 7.51 2.90
N ILE A 64 19.18 6.86 1.90
CA ILE A 64 19.45 5.39 1.96
C ILE A 64 20.74 5.01 2.67
N ARG A 65 20.71 3.91 3.44
CA ARG A 65 21.89 3.46 4.16
CA ARG A 65 21.86 3.34 4.13
C ARG A 65 23.04 3.12 3.19
N ASN A 66 24.26 3.30 3.72
CA ASN A 66 25.53 3.13 2.96
C ASN A 66 25.86 1.66 2.98
N VAL A 67 25.01 0.87 2.30
CA VAL A 67 25.13 -0.59 2.29
C VAL A 67 24.87 -0.96 0.82
N GLY A 68 25.79 -1.69 0.22
CA GLY A 68 25.75 -2.00 -1.19
C GLY A 68 24.40 -2.44 -1.71
N LYS A 69 23.76 -3.38 -1.02
CA LYS A 69 22.50 -3.87 -1.57
C LYS A 69 21.39 -2.80 -1.59
N TYR A 70 21.33 -1.95 -0.54
CA TYR A 70 20.35 -0.88 -0.50
C TYR A 70 20.68 0.20 -1.56
N ARG A 71 21.97 0.46 -1.76
CA ARG A 71 22.44 1.40 -2.77
C ARG A 71 21.94 0.94 -4.15
N GLU A 72 22.11 -0.34 -4.43
CA GLU A 72 21.73 -0.90 -5.75
C GLU A 72 20.22 -0.80 -5.88
N ALA A 73 19.49 -1.06 -4.80
CA ALA A 73 18.03 -1.01 -4.86
C ALA A 73 17.52 0.41 -5.08
N ALA A 74 18.20 1.38 -4.44
CA ALA A 74 17.85 2.81 -4.67
C ALA A 74 18.15 3.24 -6.14
N ARG A 75 19.25 2.76 -6.75
CA ARG A 75 19.54 3.10 -8.13
C ARG A 75 18.46 2.54 -9.05
N LEU A 76 17.93 1.37 -8.70
CA LEU A 76 16.79 0.79 -9.45
CA LEU A 76 16.81 0.80 -9.45
C LEU A 76 15.52 1.65 -9.30
N GLU A 77 15.24 2.11 -8.09
CA GLU A 77 14.07 2.95 -7.82
C GLU A 77 14.19 4.27 -8.62
N ILE A 78 15.39 4.84 -8.64
CA ILE A 78 15.63 6.08 -9.39
C ILE A 78 15.32 5.82 -10.87
N ASN A 79 15.73 4.68 -11.39
CA ASN A 79 15.58 4.43 -12.83
C ASN A 79 14.10 4.20 -13.14
N VAL A 80 13.37 3.51 -12.23
CA VAL A 80 11.90 3.39 -12.39
C VAL A 80 11.17 4.75 -12.35
N LEU A 81 11.57 5.60 -11.43
CA LEU A 81 10.98 6.88 -11.23
C LEU A 81 11.21 7.75 -12.50
N LYS A 82 12.36 7.62 -13.13
CA LYS A 82 12.62 8.40 -14.38
C LYS A 82 11.58 8.02 -15.48
N LYS A 83 11.36 6.72 -15.63
CA LYS A 83 10.41 6.19 -16.61
C LYS A 83 8.99 6.61 -16.28
N ILE A 84 8.57 6.51 -15.02
CA ILE A 84 7.22 6.96 -14.69
C ILE A 84 7.02 8.42 -15.05
N LYS A 85 7.97 9.29 -14.72
CA LYS A 85 7.79 10.73 -15.04
C LYS A 85 7.68 10.97 -16.55
N GLU A 86 8.41 10.21 -17.36
CA GLU A 86 8.34 10.33 -18.84
C GLU A 86 6.92 10.11 -19.36
N LYS A 87 6.20 9.21 -18.70
CA LYS A 87 4.86 8.81 -19.07
C LYS A 87 3.77 9.71 -18.50
N ASP A 88 4.11 10.49 -17.48
CA ASP A 88 3.17 11.37 -16.79
C ASP A 88 3.91 12.68 -16.54
N LYS A 89 4.28 13.37 -17.62
CA LYS A 89 5.08 14.60 -17.50
C LYS A 89 4.34 15.69 -16.75
N GLU A 90 3.00 15.66 -16.87
CA GLU A 90 2.14 16.63 -16.19
C GLU A 90 1.80 16.26 -14.73
N ASN A 91 2.26 15.10 -14.26
CA ASN A 91 2.05 14.72 -12.85
C ASN A 91 0.58 14.80 -12.43
N LYS A 92 -0.26 14.09 -13.18
CA LYS A 92 -1.71 14.06 -13.05
C LYS A 92 -2.30 12.77 -12.41
N PHE A 93 -1.50 11.72 -12.30
CA PHE A 93 -1.97 10.42 -11.84
C PHE A 93 -1.55 9.98 -10.44
N LEU A 94 -1.35 10.96 -9.57
CA LEU A 94 -1.32 10.73 -8.12
C LEU A 94 -0.12 9.90 -7.58
N CYS A 95 0.96 9.90 -8.36
CA CYS A 95 2.19 9.19 -7.95
C CYS A 95 3.12 10.22 -7.35
N VAL A 96 3.92 9.76 -6.41
CA VAL A 96 5.01 10.58 -5.82
C VAL A 96 6.29 10.45 -6.71
N LEU A 97 6.54 11.43 -7.54
CA LEU A 97 7.70 11.42 -8.50
C LEU A 97 8.90 12.21 -7.92
N MET A 98 10.13 11.87 -8.32
CA MET A 98 11.26 12.53 -7.69
C MET A 98 11.53 13.88 -8.34
N SER A 99 12.09 14.77 -7.57
CA SER A 99 12.56 16.05 -8.11
C SER A 99 14.09 16.17 -8.23
N ASP A 100 14.81 15.25 -7.59
CA ASP A 100 16.25 15.15 -7.70
C ASP A 100 16.69 13.87 -7.00
N TRP A 101 17.91 13.44 -7.32
CA TRP A 101 18.62 12.35 -6.67
C TRP A 101 20.11 12.60 -6.70
N PHE A 102 20.82 12.08 -5.70
CA PHE A 102 22.26 12.21 -5.68
C PHE A 102 22.85 11.16 -4.79
N ASN A 103 24.15 10.88 -4.98
CA ASN A 103 24.88 9.92 -4.13
C ASN A 103 25.71 10.78 -3.20
N PHE A 104 25.37 10.77 -1.92
CA PHE A 104 26.04 11.54 -0.90
C PHE A 104 26.93 10.60 -0.11
N HIS A 105 28.20 10.54 -0.49
CA HIS A 105 29.21 9.68 0.18
C HIS A 105 28.77 8.28 0.38
N GLY A 106 28.12 7.69 -0.63
CA GLY A 106 27.65 6.33 -0.58
C GLY A 106 26.18 6.14 -0.23
N HIS A 107 25.59 7.17 0.39
CA HIS A 107 24.14 7.22 0.64
C HIS A 107 23.35 7.79 -0.55
N MET A 108 22.60 6.96 -1.20
CA MET A 108 21.65 7.45 -2.25
C MET A 108 20.60 8.30 -1.55
N CYS A 109 20.30 9.47 -2.11
CA CYS A 109 19.32 10.38 -1.58
C CYS A 109 18.35 10.68 -2.71
N ILE A 110 17.08 10.59 -2.40
CA ILE A 110 16.01 10.94 -3.39
C ILE A 110 15.08 11.98 -2.79
N ALA A 111 14.91 13.09 -3.52
CA ALA A 111 14.13 14.20 -3.11
C ALA A 111 12.70 14.12 -3.68
N PHE A 112 11.74 14.27 -2.79
CA PHE A 112 10.30 14.23 -3.12
C PHE A 112 9.58 15.47 -2.57
N GLU A 113 8.38 15.72 -3.10
CA GLU A 113 7.45 16.69 -2.53
C GLU A 113 7.15 16.26 -1.09
N LEU A 114 7.01 17.25 -0.20
CA LEU A 114 6.70 16.95 1.20
C LEU A 114 5.20 16.63 1.33
N LEU A 115 4.89 15.49 1.91
CA LEU A 115 3.50 15.05 2.11
C LEU A 115 3.17 14.92 3.61
N GLY A 116 1.91 14.56 3.89
CA GLY A 116 1.45 14.26 5.24
C GLY A 116 1.79 12.84 5.66
N LYS A 117 1.21 12.41 6.77
CA LYS A 117 1.40 11.03 7.26
C LYS A 117 0.91 9.98 6.26
N ASN A 118 1.55 8.83 6.30
CA ASN A 118 1.06 7.71 5.55
C ASN A 118 -0.25 7.17 6.16
N THR A 119 -1.01 6.42 5.37
CA THR A 119 -2.27 5.96 5.82
C THR A 119 -2.24 4.90 6.96
N PHE A 120 -1.14 4.20 7.10
CA PHE A 120 -0.95 3.30 8.24
C PHE A 120 -0.70 4.12 9.52
N GLU A 121 0.22 5.08 9.42
CA GLU A 121 0.59 5.93 10.59
C GLU A 121 -0.60 6.70 11.08
N PHE A 122 -1.40 7.26 10.16
CA PHE A 122 -2.63 7.93 10.56
C PHE A 122 -3.59 7.00 11.31
N LEU A 123 -3.78 5.78 10.78
CA LEU A 123 -4.61 4.79 11.41
C LEU A 123 -4.06 4.46 12.83
N LYS A 124 -2.75 4.22 12.91
CA LYS A 124 -2.14 3.88 14.21
C LYS A 124 -2.35 5.01 15.25
N GLU A 125 -2.11 6.24 14.81
CA GLU A 125 -2.28 7.45 15.69
C GLU A 125 -3.78 7.71 16.09
N ASN A 126 -4.71 7.09 15.37
CA ASN A 126 -6.10 7.06 15.72
C ASN A 126 -6.48 5.81 16.53
N ASN A 127 -5.50 5.14 17.12
CA ASN A 127 -5.71 3.93 17.89
C ASN A 127 -6.46 2.84 17.11
N PHE A 128 -6.15 2.76 15.81
CA PHE A 128 -6.71 1.75 14.93
C PHE A 128 -8.21 1.82 14.73
N GLN A 129 -8.82 2.95 15.08
CA GLN A 129 -10.22 3.16 14.75
C GLN A 129 -10.27 3.39 13.23
N PRO A 130 -11.20 2.73 12.53
CA PRO A 130 -11.15 2.76 11.08
C PRO A 130 -11.57 4.10 10.49
N TYR A 131 -11.30 4.23 9.21
CA TYR A 131 -11.76 5.37 8.44
C TYR A 131 -13.25 5.19 8.16
N PRO A 132 -14.01 6.29 8.13
CA PRO A 132 -15.43 6.29 7.78
C PRO A 132 -15.60 5.89 6.30
N LEU A 133 -16.72 5.24 5.97
CA LEU A 133 -16.97 4.75 4.60
CA LEU A 133 -16.93 4.75 4.60
C LEU A 133 -16.72 5.80 3.50
N PRO A 134 -17.16 7.05 3.72
CA PRO A 134 -16.90 8.04 2.63
C PRO A 134 -15.43 8.33 2.37
N HIS A 135 -14.59 8.24 3.42
CA HIS A 135 -13.13 8.33 3.29
C HIS A 135 -12.58 7.14 2.55
N VAL A 136 -13.02 5.92 2.94
CA VAL A 136 -12.60 4.69 2.31
C VAL A 136 -12.92 4.78 0.82
N ARG A 137 -14.13 5.22 0.51
CA ARG A 137 -14.57 5.32 -0.91
C ARG A 137 -13.73 6.29 -1.75
N HIS A 138 -13.40 7.43 -1.19
CA HIS A 138 -12.54 8.39 -1.90
C HIS A 138 -11.13 7.88 -2.07
N MET A 139 -10.57 7.29 -1.02
CA MET A 139 -9.22 6.68 -1.12
C MET A 139 -9.19 5.54 -2.12
N ALA A 140 -10.26 4.74 -2.16
CA ALA A 140 -10.35 3.63 -3.10
C ALA A 140 -10.34 4.16 -4.53
N TYR A 141 -11.09 5.22 -4.75
CA TYR A 141 -11.23 5.78 -6.09
C TYR A 141 -9.85 6.26 -6.59
N GLN A 142 -9.11 6.93 -5.70
CA GLN A 142 -7.84 7.47 -6.09
C GLN A 142 -6.83 6.35 -6.37
N LEU A 143 -6.83 5.32 -5.53
CA LEU A 143 -5.94 4.19 -5.72
C LEU A 143 -6.19 3.50 -7.05
N CYS A 144 -7.47 3.24 -7.35
CA CYS A 144 -7.80 2.60 -8.62
C CYS A 144 -7.37 3.51 -9.77
N HIS A 145 -7.57 4.82 -9.65
CA HIS A 145 -7.12 5.75 -10.67
C HIS A 145 -5.60 5.72 -10.93
N ALA A 146 -4.81 5.86 -9.87
CA ALA A 146 -3.35 5.88 -9.94
C ALA A 146 -2.83 4.58 -10.56
N LEU A 147 -3.29 3.46 -10.04
CA LEU A 147 -2.76 2.18 -10.46
C LEU A 147 -3.23 1.80 -11.85
N ARG A 148 -4.45 2.20 -12.19
CA ARG A 148 -4.95 1.97 -13.56
C ARG A 148 -4.02 2.59 -14.58
N PHE A 149 -3.50 3.79 -14.30
CA PHE A 149 -2.58 4.43 -15.23
C PHE A 149 -1.23 3.66 -15.32
N LEU A 150 -0.72 3.16 -14.21
CA LEU A 150 0.50 2.39 -14.28
C LEU A 150 0.29 1.09 -15.04
N HIS A 151 -0.81 0.44 -14.77
CA HIS A 151 -1.18 -0.83 -15.44
C HIS A 151 -1.32 -0.67 -16.92
N GLU A 152 -1.88 0.46 -17.37
CA GLU A 152 -2.03 0.73 -18.81
CA GLU A 152 -2.00 0.77 -18.80
C GLU A 152 -0.69 1.08 -19.48
N ASN A 153 0.34 1.29 -18.68
CA ASN A 153 1.66 1.58 -19.16
C ASN A 153 2.66 0.46 -18.83
N GLN A 154 2.13 -0.75 -18.76
CA GLN A 154 2.89 -1.98 -18.64
C GLN A 154 3.70 -2.10 -17.35
N LEU A 155 3.21 -1.49 -16.28
CA LEU A 155 3.90 -1.55 -15.00
C LEU A 155 3.01 -2.18 -13.94
N THR A 156 3.63 -2.89 -13.00
CA THR A 156 2.96 -3.41 -11.82
C THR A 156 3.77 -2.91 -10.59
N HIS A 157 3.12 -2.41 -9.55
CA HIS A 157 3.81 -1.86 -8.36
C HIS A 157 4.45 -3.00 -7.55
N THR A 158 3.64 -4.04 -7.26
CA THR A 158 4.06 -5.27 -6.53
C THR A 158 4.11 -5.14 -5.02
N ASP A 159 4.11 -3.95 -4.46
CA ASP A 159 4.31 -3.79 -3.00
C ASP A 159 3.37 -2.71 -2.44
N LEU A 160 2.14 -2.71 -2.89
CA LEU A 160 1.15 -1.78 -2.35
C LEU A 160 0.80 -2.21 -0.93
N LYS A 161 0.73 -1.23 -0.04
CA LYS A 161 0.31 -1.45 1.35
C LYS A 161 0.04 -0.04 1.97
N PRO A 162 -0.65 -0.02 3.12
CA PRO A 162 -1.04 1.26 3.69
C PRO A 162 0.13 2.22 3.93
N GLU A 163 1.29 1.71 4.31
CA GLU A 163 2.45 2.59 4.56
C GLU A 163 3.02 3.32 3.35
N ASN A 164 2.80 2.86 2.11
N ASN A 164 2.70 2.82 2.14
CA ASN A 164 3.30 3.63 0.97
CA ASN A 164 3.18 3.34 0.88
C ASN A 164 2.20 4.33 0.21
C ASN A 164 2.21 4.28 0.21
N ILE A 165 1.08 4.53 0.89
CA ILE A 165 0.04 5.48 0.45
CA ILE A 165 0.02 5.48 0.46
C ILE A 165 0.01 6.64 1.47
N LEU A 166 0.15 7.87 1.01
CA LEU A 166 0.32 9.02 1.90
C LEU A 166 -0.75 10.10 1.66
N PHE A 167 -1.25 10.68 2.74
CA PHE A 167 -2.12 11.85 2.59
C PHE A 167 -1.30 13.04 2.10
N VAL A 168 -1.86 13.84 1.18
CA VAL A 168 -1.26 15.12 0.82
C VAL A 168 -1.10 16.02 2.04
N ASN A 169 -2.13 16.05 2.88
CA ASN A 169 -2.13 16.80 4.14
C ASN A 169 -2.97 16.01 5.15
N SER A 170 -2.32 15.57 6.22
CA SER A 170 -2.98 14.75 7.21
C SER A 170 -3.53 15.53 8.42
N GLU A 171 -3.67 16.85 8.33
CA GLU A 171 -4.37 17.59 9.42
C GLU A 171 -5.74 16.99 9.69
N PHE A 172 -6.19 17.02 10.94
CA PHE A 172 -7.40 16.32 11.34
C PHE A 172 -8.25 17.08 12.37
N GLU A 173 -9.54 16.75 12.41
CA GLU A 173 -10.44 17.26 13.46
CA GLU A 173 -10.50 17.23 13.41
C GLU A 173 -10.61 16.15 14.51
N THR A 174 -10.75 16.55 15.76
CA THR A 174 -10.89 15.58 16.86
C THR A 174 -12.34 15.67 17.27
N LEU A 175 -13.01 14.53 17.15
CA LEU A 175 -14.44 14.40 17.36
C LEU A 175 -14.69 13.37 18.47
N TYR A 176 -15.78 13.51 19.22
CA TYR A 176 -16.18 12.47 20.17
C TYR A 176 -16.96 11.42 19.37
N ASN A 177 -16.55 10.15 19.55
N ASN A 177 -16.59 10.15 19.47
CA ASN A 177 -17.11 8.95 18.93
CA ASN A 177 -17.40 9.09 18.91
C ASN A 177 -18.57 8.84 19.27
C ASN A 177 -18.59 8.92 19.83
N GLU A 178 -19.38 8.65 18.24
N GLU A 178 -19.75 9.43 19.43
CA GLU A 178 -20.82 8.61 18.38
CA GLU A 178 -20.91 9.29 20.30
C GLU A 178 -21.29 7.47 19.28
C GLU A 178 -21.16 7.80 20.63
N HIS A 179 -20.60 6.36 19.21
N HIS A 179 -20.91 6.88 19.70
CA HIS A 179 -21.11 5.18 19.86
CA HIS A 179 -21.21 5.47 19.98
C HIS A 179 -20.13 4.54 20.81
C HIS A 179 -20.25 4.73 20.94
N LYS A 180 -18.97 5.21 21.04
CA LYS A 180 -17.96 4.63 21.97
C LYS A 180 -17.49 5.66 22.96
N SER A 181 -16.93 5.24 24.10
CA SER A 181 -16.57 6.20 25.15
C SER A 181 -15.15 6.78 24.88
N CYS A 182 -14.96 7.42 23.73
CA CYS A 182 -13.61 7.91 23.34
C CYS A 182 -13.61 8.92 22.20
N GLU A 183 -12.47 9.61 22.00
CA GLU A 183 -12.30 10.52 20.86
C GLU A 183 -11.80 9.82 19.59
N GLU A 184 -12.00 10.47 18.44
CA GLU A 184 -11.65 9.96 17.12
C GLU A 184 -11.04 11.08 16.28
N LYS A 185 -10.05 10.76 15.45
CA LYS A 185 -9.40 11.73 14.57
C LYS A 185 -9.97 11.51 13.18
N SER A 186 -10.39 12.60 12.53
CA SER A 186 -10.93 12.49 11.20
C SER A 186 -10.16 13.39 10.25
N VAL A 187 -9.54 12.82 9.21
CA VAL A 187 -8.67 13.62 8.31
C VAL A 187 -9.55 14.69 7.60
N LYS A 188 -9.01 15.89 7.47
CA LYS A 188 -9.75 17.01 6.88
C LYS A 188 -9.86 16.88 5.36
N ASN A 189 -8.81 16.30 4.78
CA ASN A 189 -8.75 16.13 3.34
C ASN A 189 -8.21 14.75 3.02
N THR A 190 -8.99 13.97 2.26
CA THR A 190 -8.67 12.57 1.99
C THR A 190 -7.89 12.37 0.67
N SER A 191 -7.32 13.45 0.10
CA SER A 191 -6.45 13.32 -1.08
C SER A 191 -5.20 12.52 -0.70
N ILE A 192 -4.84 11.54 -1.52
CA ILE A 192 -3.71 10.68 -1.28
C ILE A 192 -2.81 10.56 -2.51
N ARG A 193 -1.59 10.05 -2.28
CA ARG A 193 -0.61 9.81 -3.35
C ARG A 193 0.03 8.45 -3.06
N VAL A 194 0.49 7.80 -4.13
CA VAL A 194 1.06 6.46 -4.08
C VAL A 194 2.58 6.62 -4.20
N ALA A 195 3.29 5.96 -3.28
CA ALA A 195 4.78 6.04 -3.31
C ALA A 195 5.38 4.65 -3.35
N ASP A 196 6.72 4.69 -3.32
CA ASP A 196 7.62 3.56 -3.20
C ASP A 196 7.60 2.52 -4.34
N PHE A 197 8.25 2.95 -5.44
CA PHE A 197 8.25 2.27 -6.74
C PHE A 197 9.48 1.39 -6.97
N GLY A 198 10.32 1.20 -5.94
CA GLY A 198 11.56 0.45 -6.19
C GLY A 198 11.45 -1.01 -6.60
N SER A 199 10.29 -1.64 -6.31
CA SER A 199 10.01 -3.04 -6.70
C SER A 199 9.14 -3.09 -7.95
N ALA A 200 8.74 -1.92 -8.42
CA ALA A 200 7.81 -1.87 -9.56
C ALA A 200 8.50 -2.47 -10.79
N THR A 201 7.74 -3.25 -11.57
CA THR A 201 8.31 -4.10 -12.60
C THR A 201 7.54 -3.94 -13.91
N PHE A 202 8.25 -3.66 -14.99
CA PHE A 202 7.64 -3.58 -16.33
C PHE A 202 7.37 -4.97 -16.89
N ASP A 203 6.36 -5.07 -17.76
CA ASP A 203 6.02 -6.39 -18.35
C ASP A 203 7.23 -7.12 -18.96
N HIS A 204 8.14 -6.40 -19.63
CA HIS A 204 9.29 -7.02 -20.28
C HIS A 204 10.44 -7.42 -19.39
N GLU A 205 10.39 -7.06 -18.11
CA GLU A 205 11.51 -7.24 -17.20
C GLU A 205 11.32 -8.55 -16.45
N HIS A 206 12.42 -9.03 -15.86
CA HIS A 206 12.41 -10.24 -15.02
C HIS A 206 11.45 -10.15 -13.86
N HIS A 207 10.60 -11.18 -13.72
CA HIS A 207 9.63 -11.29 -12.60
C HIS A 207 10.15 -12.31 -11.60
N THR A 208 10.46 -11.83 -10.39
CA THR A 208 10.89 -12.73 -9.30
CA THR A 208 10.91 -12.72 -9.34
C THR A 208 9.78 -13.66 -8.89
N THR A 209 10.10 -14.83 -8.34
CA THR A 209 9.06 -15.77 -7.91
C THR A 209 8.08 -15.17 -6.89
N ILE A 210 8.64 -14.57 -5.86
CA ILE A 210 7.91 -13.99 -4.75
C ILE A 210 7.98 -12.46 -4.80
N VAL A 211 6.84 -11.82 -4.71
CA VAL A 211 6.69 -10.37 -4.58
C VAL A 211 5.65 -10.06 -3.49
N ALA A 212 5.54 -8.77 -3.15
CA ALA A 212 4.59 -8.20 -2.19
C ALA A 212 4.98 -8.46 -0.76
N THR A 213 4.53 -7.61 0.14
CA THR A 213 4.61 -7.87 1.57
C THR A 213 3.55 -8.91 1.93
N ARG A 214 3.89 -9.84 2.82
CA ARG A 214 3.09 -11.02 3.02
C ARG A 214 1.62 -10.77 3.20
N HIS A 215 1.23 -9.86 4.09
CA HIS A 215 -0.21 -9.66 4.33
C HIS A 215 -0.97 -9.23 3.10
N TYR A 216 -0.31 -8.67 2.11
CA TYR A 216 -0.88 -8.11 0.85
C TYR A 216 -0.64 -9.01 -0.38
N ARG A 217 -0.10 -10.17 -0.14
CA ARG A 217 0.44 -11.06 -1.21
C ARG A 217 -0.72 -11.96 -1.73
N PRO A 218 -0.84 -12.12 -3.05
CA PRO A 218 -1.99 -12.85 -3.64
C PRO A 218 -1.68 -14.37 -3.77
N PRO A 219 -2.73 -15.19 -3.91
CA PRO A 219 -2.53 -16.62 -3.98
C PRO A 219 -1.69 -17.11 -5.14
N GLU A 220 -1.75 -16.46 -6.31
CA GLU A 220 -0.95 -16.91 -7.43
C GLU A 220 0.53 -16.80 -7.16
N VAL A 221 0.92 -15.84 -6.32
CA VAL A 221 2.31 -15.72 -5.91
C VAL A 221 2.69 -16.82 -4.92
N ILE A 222 1.85 -17.05 -3.89
CA ILE A 222 2.10 -18.21 -2.98
C ILE A 222 2.25 -19.52 -3.68
N LEU A 223 1.37 -19.78 -4.68
CA LEU A 223 1.31 -21.00 -5.44
C LEU A 223 2.31 -20.98 -6.64
N GLU A 224 3.09 -19.92 -6.76
CA GLU A 224 4.19 -19.83 -7.76
C GLU A 224 3.65 -20.10 -9.17
N LEU A 225 2.51 -19.46 -9.47
CA LEU A 225 1.83 -19.58 -10.79
C LEU A 225 2.22 -18.44 -11.74
N GLY A 226 3.11 -17.56 -11.31
CA GLY A 226 3.39 -16.31 -12.04
C GLY A 226 2.44 -15.22 -11.62
N TRP A 227 2.75 -13.99 -11.99
CA TRP A 227 1.99 -12.82 -11.59
C TRP A 227 2.17 -11.73 -12.60
N ALA A 228 1.24 -10.77 -12.54
CA ALA A 228 1.23 -9.58 -13.37
C ALA A 228 0.39 -8.53 -12.64
N GLN A 229 -0.16 -7.60 -13.39
CA GLN A 229 -0.97 -6.52 -12.81
C GLN A 229 -2.07 -6.92 -11.83
N PRO A 230 -2.71 -8.10 -11.99
CA PRO A 230 -3.75 -8.46 -10.98
C PRO A 230 -3.22 -8.58 -9.54
N CYS A 231 -1.90 -8.76 -9.37
CA CYS A 231 -1.27 -8.78 -8.04
CA CYS A 231 -1.37 -8.83 -8.01
C CYS A 231 -1.62 -7.52 -7.27
N ASP A 232 -1.53 -6.38 -7.95
CA ASP A 232 -1.86 -5.08 -7.34
C ASP A 232 -3.33 -4.95 -6.90
N VAL A 233 -4.25 -5.56 -7.69
CA VAL A 233 -5.68 -5.46 -7.38
C VAL A 233 -6.00 -6.22 -6.09
N TRP A 234 -5.37 -7.38 -5.88
CA TRP A 234 -5.51 -8.13 -4.66
C TRP A 234 -5.02 -7.31 -3.51
N SER A 235 -3.85 -6.68 -3.68
CA SER A 235 -3.32 -5.85 -2.60
C SER A 235 -4.30 -4.71 -2.24
N ILE A 236 -4.91 -4.06 -3.24
CA ILE A 236 -5.88 -3.01 -3.02
C ILE A 236 -7.11 -3.53 -2.22
N GLY A 237 -7.61 -4.73 -2.54
CA GLY A 237 -8.67 -5.37 -1.80
C GLY A 237 -8.35 -5.44 -0.33
N CYS A 238 -7.14 -5.94 -0.03
CA CYS A 238 -6.68 -6.05 1.31
C CYS A 238 -6.54 -4.73 2.03
N ILE A 239 -6.07 -3.71 1.31
CA ILE A 239 -5.93 -2.33 1.84
C ILE A 239 -7.29 -1.75 2.20
N LEU A 240 -8.28 -1.90 1.34
CA LEU A 240 -9.58 -1.32 1.55
C LEU A 240 -10.24 -1.97 2.78
N PHE A 241 -10.00 -3.28 3.01
CA PHE A 241 -10.53 -3.93 4.19
C PHE A 241 -9.91 -3.33 5.46
N GLU A 242 -8.61 -3.16 5.42
CA GLU A 242 -7.88 -2.59 6.54
C GLU A 242 -8.32 -1.16 6.84
N TYR A 243 -8.52 -0.34 5.81
CA TYR A 243 -9.03 1.00 6.05
C TYR A 243 -10.43 0.98 6.74
N TYR A 244 -11.27 0.05 6.31
CA TYR A 244 -12.67 -0.06 6.75
C TYR A 244 -12.86 -0.63 8.16
N ARG A 245 -11.98 -1.56 8.57
CA ARG A 245 -12.07 -2.22 9.87
C ARG A 245 -10.99 -1.77 10.86
N GLY A 246 -9.85 -1.35 10.33
CA GLY A 246 -8.73 -0.88 11.14
C GLY A 246 -7.81 -2.02 11.57
N PHE A 247 -8.12 -3.22 11.11
CA PHE A 247 -7.25 -4.37 11.30
C PHE A 247 -6.99 -5.08 9.96
N THR A 248 -5.88 -5.80 9.94
CA THR A 248 -5.35 -6.52 8.77
C THR A 248 -6.28 -7.67 8.39
N LEU A 249 -6.55 -7.81 7.09
CA LEU A 249 -7.36 -8.94 6.64
C LEU A 249 -6.68 -10.28 6.88
N PHE A 250 -5.38 -10.36 6.54
CA PHE A 250 -4.63 -11.62 6.70
C PHE A 250 -3.50 -11.39 7.65
N GLN A 251 -3.73 -11.58 8.95
CA GLN A 251 -2.65 -11.38 9.94
C GLN A 251 -1.83 -12.66 10.09
N THR A 252 -0.90 -12.89 9.14
CA THR A 252 -0.30 -14.21 8.92
C THR A 252 1.16 -14.08 8.78
N HIS A 253 1.89 -15.15 9.08
CA HIS A 253 3.30 -15.17 8.98
C HIS A 253 3.82 -16.33 8.11
N GLU A 254 2.91 -17.13 7.53
CA GLU A 254 3.33 -18.37 6.91
C GLU A 254 2.38 -18.80 5.83
N ASN A 255 2.92 -19.40 4.77
CA ASN A 255 2.10 -19.74 3.59
C ASN A 255 0.93 -20.64 3.82
N ARG A 256 1.13 -21.74 4.51
CA ARG A 256 0.01 -22.67 4.71
C ARG A 256 -1.12 -22.02 5.48
N GLU A 257 -0.78 -21.34 6.56
CA GLU A 257 -1.74 -20.59 7.33
C GLU A 257 -2.49 -19.56 6.48
N HIS A 258 -1.77 -18.86 5.64
CA HIS A 258 -2.30 -17.78 4.81
C HIS A 258 -3.36 -18.39 3.88
N LEU A 259 -3.01 -19.48 3.23
CA LEU A 259 -3.99 -20.18 2.37
C LEU A 259 -5.26 -20.60 3.13
N VAL A 260 -5.10 -21.18 4.33
CA VAL A 260 -6.24 -21.57 5.11
C VAL A 260 -7.14 -20.36 5.40
N MET A 261 -6.53 -19.21 5.81
CA MET A 261 -7.26 -17.98 6.02
C MET A 261 -8.01 -17.58 4.77
N MET A 262 -7.34 -17.64 3.62
CA MET A 262 -8.03 -17.28 2.37
C MET A 262 -9.28 -18.17 2.16
N GLU A 263 -9.17 -19.49 2.39
CA GLU A 263 -10.33 -20.38 2.23
C GLU A 263 -11.47 -20.06 3.22
N LYS A 264 -11.10 -19.76 4.46
CA LYS A 264 -12.13 -19.45 5.45
C LYS A 264 -12.86 -18.13 5.18
N ILE A 265 -12.16 -17.14 4.64
CA ILE A 265 -12.71 -15.81 4.39
C ILE A 265 -13.41 -15.72 3.02
N LEU A 266 -12.87 -16.39 2.01
CA LEU A 266 -13.29 -16.17 0.61
C LEU A 266 -13.91 -17.43 -0.05
N GLY A 267 -13.77 -18.59 0.56
CA GLY A 267 -14.24 -19.86 -0.01
C GLY A 267 -13.14 -20.70 -0.62
N PRO A 268 -13.53 -21.83 -1.25
CA PRO A 268 -12.51 -22.78 -1.71
C PRO A 268 -11.62 -22.25 -2.83
N ILE A 269 -10.36 -22.62 -2.78
CA ILE A 269 -9.42 -22.32 -3.87
C ILE A 269 -9.85 -23.10 -5.11
N PRO A 270 -9.87 -22.44 -6.29
CA PRO A 270 -10.33 -23.19 -7.50
C PRO A 270 -9.49 -24.41 -7.82
N SER A 271 -10.15 -25.48 -8.25
CA SER A 271 -9.44 -26.76 -8.46
C SER A 271 -8.40 -26.62 -9.58
N HIS A 272 -8.65 -25.75 -10.53
CA HIS A 272 -7.71 -25.59 -11.64
C HIS A 272 -6.40 -25.01 -11.19
N MET A 273 -6.42 -24.15 -10.20
CA MET A 273 -5.19 -23.55 -9.59
C MET A 273 -4.40 -24.63 -8.80
N ILE A 274 -5.13 -25.44 -8.04
CA ILE A 274 -4.52 -26.57 -7.32
C ILE A 274 -3.83 -27.56 -8.27
N HIS A 275 -4.48 -27.89 -9.39
CA HIS A 275 -3.91 -28.81 -10.37
C HIS A 275 -2.64 -28.32 -11.01
N ARG A 276 -2.53 -27.02 -11.18
CA ARG A 276 -1.40 -26.41 -11.86
C ARG A 276 -0.16 -26.14 -10.99
N THR A 277 -0.36 -25.94 -9.69
CA THR A 277 0.76 -25.48 -8.83
C THR A 277 1.72 -26.59 -8.61
N ARG A 278 3.01 -26.24 -8.60
CA ARG A 278 4.03 -27.16 -8.16
C ARG A 278 4.16 -27.23 -6.63
N LYS A 279 3.44 -26.38 -5.88
CA LYS A 279 3.49 -26.38 -4.42
C LYS A 279 2.46 -27.35 -3.86
N GLN A 280 2.58 -28.61 -4.24
CA GLN A 280 1.63 -29.64 -3.84
C GLN A 280 1.76 -29.97 -2.33
N LYS A 281 2.84 -29.51 -1.67
CA LYS A 281 2.98 -29.68 -0.18
C LYS A 281 1.79 -29.11 0.62
N TYR A 282 1.08 -28.16 0.04
CA TYR A 282 -0.05 -27.54 0.72
C TYR A 282 -1.31 -28.37 0.61
N PHE A 283 -1.31 -29.41 -0.23
CA PHE A 283 -2.55 -30.11 -0.54
C PHE A 283 -2.42 -31.64 -0.27
N TYR A 284 -3.58 -32.24 0.00
CA TYR A 284 -3.74 -33.68 0.17
C TYR A 284 -5.14 -34.02 -0.35
N LYS A 285 -5.24 -35.00 -1.23
CA LYS A 285 -6.53 -35.39 -1.81
C LYS A 285 -7.31 -34.20 -2.38
N GLY A 286 -6.62 -33.23 -2.95
CA GLY A 286 -7.28 -32.12 -3.65
C GLY A 286 -7.79 -30.99 -2.78
N GLY A 287 -7.49 -31.05 -1.49
CA GLY A 287 -7.85 -29.99 -0.56
C GLY A 287 -6.66 -29.51 0.25
N LEU A 288 -6.75 -28.32 0.83
CA LEU A 288 -5.68 -27.88 1.72
C LEU A 288 -5.52 -28.87 2.82
N VAL A 289 -4.27 -29.04 3.21
CA VAL A 289 -3.94 -29.94 4.32
C VAL A 289 -3.23 -29.10 5.39
N TRP A 290 -3.64 -29.29 6.62
CA TRP A 290 -3.22 -28.42 7.73
C TRP A 290 -3.61 -29.05 9.04
N ASP A 291 -2.96 -28.59 10.09
CA ASP A 291 -3.14 -29.17 11.46
C ASP A 291 -4.08 -28.26 12.21
N GLU A 292 -5.32 -28.71 12.37
CA GLU A 292 -6.31 -27.94 13.09
C GLU A 292 -6.00 -27.73 14.57
N ASN A 293 -5.16 -28.57 15.14
CA ASN A 293 -4.91 -28.51 16.59
C ASN A 293 -3.67 -27.68 16.94
N SER A 294 -2.93 -27.21 15.95
CA SER A 294 -1.70 -26.40 16.19
C SER A 294 -2.07 -24.98 16.62
N SER A 295 -1.07 -24.21 17.12
CA SER A 295 -1.31 -22.80 17.45
CA SER A 295 -1.34 -22.83 17.48
C SER A 295 -1.88 -22.04 16.28
N ASP A 296 -1.30 -22.20 15.07
CA ASP A 296 -1.83 -21.49 13.90
C ASP A 296 -3.23 -21.96 13.52
N GLY A 297 -3.44 -23.26 13.55
CA GLY A 297 -4.74 -23.88 13.23
C GLY A 297 -5.82 -23.34 14.12
N ARG A 298 -5.61 -23.34 15.41
CA ARG A 298 -6.60 -22.86 16.33
C ARG A 298 -6.85 -21.34 16.16
N TYR A 299 -5.82 -20.59 15.86
CA TYR A 299 -5.92 -19.13 15.69
C TYR A 299 -6.87 -18.88 14.52
N VAL A 300 -6.64 -19.57 13.41
CA VAL A 300 -7.43 -19.35 12.19
CA VAL A 300 -7.46 -19.31 12.20
C VAL A 300 -8.90 -19.78 12.36
N LYS A 301 -9.11 -20.89 13.04
CA LYS A 301 -10.47 -21.42 13.27
C LYS A 301 -11.26 -20.45 14.16
N GLU A 302 -10.59 -19.85 15.16
CA GLU A 302 -11.26 -18.89 16.05
C GLU A 302 -11.55 -17.55 15.39
N ASN A 303 -10.65 -17.10 14.55
CA ASN A 303 -10.61 -15.67 14.14
C ASN A 303 -11.01 -15.34 12.72
N CYS A 304 -10.95 -16.31 11.81
CA CYS A 304 -11.12 -16.02 10.36
C CYS A 304 -12.51 -16.49 9.97
N LYS A 305 -13.36 -15.52 9.61
CA LYS A 305 -14.77 -15.74 9.28
C LYS A 305 -15.04 -15.35 7.82
N PRO A 306 -16.20 -15.77 7.26
CA PRO A 306 -16.53 -15.30 5.89
C PRO A 306 -16.51 -13.79 5.74
N LEU A 307 -16.01 -13.32 4.59
CA LEU A 307 -15.85 -11.90 4.30
C LEU A 307 -17.07 -11.04 4.68
N LYS A 308 -18.28 -11.46 4.29
CA LYS A 308 -19.46 -10.61 4.49
C LYS A 308 -19.74 -10.34 6.00
N SER A 309 -19.34 -11.26 6.86
CA SER A 309 -19.46 -11.12 8.31
C SER A 309 -18.79 -9.85 8.86
N TYR A 310 -17.82 -9.30 8.12
CA TYR A 310 -17.07 -8.12 8.59
C TYR A 310 -17.76 -6.79 8.25
N MET A 311 -18.90 -6.82 7.56
CA MET A 311 -19.63 -5.57 7.25
C MET A 311 -20.11 -4.94 8.55
N LEU A 312 -19.97 -3.62 8.68
CA LEU A 312 -20.39 -2.91 9.90
C LEU A 312 -21.85 -2.44 9.85
N GLN A 313 -22.37 -2.23 8.64
CA GLN A 313 -23.77 -1.86 8.45
CA GLN A 313 -23.75 -1.81 8.41
C GLN A 313 -24.30 -2.56 7.20
N ASP A 314 -25.64 -2.55 7.09
CA ASP A 314 -26.38 -3.25 6.04
C ASP A 314 -26.75 -2.41 4.85
N SER A 315 -26.46 -1.12 4.90
CA SER A 315 -27.04 -0.19 3.92
C SER A 315 -26.36 -0.37 2.57
N LEU A 316 -26.92 0.23 1.54
CA LEU A 316 -26.51 0.00 0.16
C LEU A 316 -25.01 0.23 -0.08
N GLU A 317 -24.50 1.37 0.37
CA GLU A 317 -23.06 1.66 0.17
C GLU A 317 -22.09 0.66 0.82
N HIS A 318 -22.45 0.04 1.96
CA HIS A 318 -21.66 -1.03 2.53
C HIS A 318 -21.74 -2.28 1.74
N VAL A 319 -22.93 -2.67 1.32
CA VAL A 319 -23.07 -3.83 0.46
C VAL A 319 -22.22 -3.67 -0.83
N GLN A 320 -22.25 -2.49 -1.44
CA GLN A 320 -21.45 -2.23 -2.65
C GLN A 320 -19.94 -2.28 -2.40
N LEU A 321 -19.49 -1.75 -1.27
CA LEU A 321 -18.07 -1.84 -0.95
C LEU A 321 -17.67 -3.31 -0.85
N PHE A 322 -18.47 -4.11 -0.18
CA PHE A 322 -18.11 -5.52 -0.06
C PHE A 322 -18.20 -6.30 -1.39
N ASP A 323 -19.11 -5.91 -2.28
CA ASP A 323 -19.14 -6.53 -3.60
C ASP A 323 -17.86 -6.25 -4.37
N LEU A 324 -17.44 -4.99 -4.38
CA LEU A 324 -16.18 -4.61 -5.01
C LEU A 324 -15.00 -5.34 -4.36
N MET A 325 -14.94 -5.34 -3.02
CA MET A 325 -13.83 -6.01 -2.35
CA MET A 325 -13.88 -6.04 -2.25
C MET A 325 -13.78 -7.49 -2.71
N ARG A 326 -14.92 -8.18 -2.78
CA ARG A 326 -14.89 -9.61 -3.09
C ARG A 326 -14.34 -9.87 -4.51
N ARG A 327 -14.62 -8.94 -5.40
CA ARG A 327 -14.16 -8.99 -6.79
CA ARG A 327 -14.16 -9.01 -6.79
C ARG A 327 -12.66 -8.75 -6.96
N MET A 328 -12.12 -7.91 -6.10
CA MET A 328 -10.70 -7.66 -6.02
C MET A 328 -9.97 -8.83 -5.40
N LEU A 329 -10.64 -9.56 -4.54
CA LEU A 329 -10.11 -10.75 -3.86
C LEU A 329 -10.49 -12.09 -4.52
N GLU A 330 -10.67 -12.11 -5.84
CA GLU A 330 -10.93 -13.33 -6.58
CA GLU A 330 -10.92 -13.35 -6.58
C GLU A 330 -9.65 -14.16 -6.62
N PHE A 331 -9.75 -15.46 -6.36
CA PHE A 331 -8.55 -16.28 -6.38
C PHE A 331 -7.82 -16.26 -7.72
N ASP A 332 -8.60 -16.44 -8.80
CA ASP A 332 -7.99 -16.59 -10.15
C ASP A 332 -7.65 -15.24 -10.67
N PRO A 333 -6.37 -14.97 -10.90
CA PRO A 333 -6.06 -13.61 -11.33
C PRO A 333 -6.64 -13.20 -12.66
N ALA A 334 -6.94 -14.18 -13.51
CA ALA A 334 -7.55 -13.89 -14.79
C ALA A 334 -9.00 -13.43 -14.63
N GLN A 335 -9.67 -13.94 -13.62
CA GLN A 335 -11.07 -13.61 -13.32
C GLN A 335 -11.20 -12.38 -12.44
N ARG A 336 -10.16 -12.03 -11.72
CA ARG A 336 -10.16 -10.90 -10.81
C ARG A 336 -10.54 -9.61 -11.56
N ILE A 337 -11.27 -8.74 -10.90
CA ILE A 337 -11.65 -7.43 -11.50
C ILE A 337 -10.41 -6.63 -11.88
N THR A 338 -10.46 -5.95 -13.04
CA THR A 338 -9.34 -5.02 -13.39
C THR A 338 -9.68 -3.65 -12.81
N LEU A 339 -8.71 -2.76 -12.69
CA LEU A 339 -8.98 -1.44 -12.19
C LEU A 339 -9.79 -0.62 -13.09
N ALA A 340 -9.68 -0.83 -14.40
CA ALA A 340 -10.52 -0.16 -15.30
C ALA A 340 -12.02 -0.51 -15.01
N GLU A 341 -12.30 -1.79 -14.75
CA GLU A 341 -13.71 -2.18 -14.45
C GLU A 341 -14.11 -1.67 -13.07
N ALA A 342 -13.16 -1.68 -12.10
CA ALA A 342 -13.40 -1.27 -10.74
C ALA A 342 -13.92 0.17 -10.76
N LEU A 343 -13.35 1.02 -11.62
CA LEU A 343 -13.77 2.42 -11.69
C LEU A 343 -15.18 2.60 -12.19
N LEU A 344 -15.74 1.57 -12.82
CA LEU A 344 -17.13 1.58 -13.29
C LEU A 344 -18.14 1.05 -12.25
N HIS A 345 -17.67 0.58 -11.09
CA HIS A 345 -18.51 -0.05 -10.08
C HIS A 345 -19.45 0.93 -9.42
N PRO A 346 -20.69 0.50 -9.16
CA PRO A 346 -21.63 1.42 -8.50
C PRO A 346 -21.29 1.94 -7.10
N PHE A 347 -20.38 1.30 -6.38
CA PHE A 347 -19.82 1.88 -5.14
C PHE A 347 -19.39 3.32 -5.32
N PHE A 348 -18.91 3.66 -6.51
CA PHE A 348 -18.35 5.01 -6.73
C PHE A 348 -19.37 6.07 -7.11
N ALA A 349 -20.66 5.67 -7.21
CA ALA A 349 -21.77 6.62 -7.38
C ALA A 349 -21.90 7.55 -6.16
N GLY A 350 -21.42 7.09 -4.99
CA GLY A 350 -21.41 7.86 -3.76
C GLY A 350 -20.41 9.02 -3.66
N LEU A 351 -19.44 9.09 -4.57
CA LEU A 351 -18.47 10.18 -4.52
C LEU A 351 -19.15 11.53 -4.73
N THR A 352 -18.70 12.54 -4.01
CA THR A 352 -19.10 13.90 -4.30
C THR A 352 -18.49 14.29 -5.64
N PRO A 353 -19.04 15.29 -6.30
CA PRO A 353 -18.48 15.72 -7.58
C PRO A 353 -16.99 16.14 -7.43
N GLU A 354 -16.68 16.76 -6.29
CA GLU A 354 -15.35 17.29 -6.02
CA GLU A 354 -15.35 17.29 -6.00
C GLU A 354 -14.39 16.11 -5.96
N GLU A 355 -14.84 15.04 -5.33
CA GLU A 355 -14.05 13.82 -5.24
C GLU A 355 -13.85 13.17 -6.65
N ARG A 356 -14.91 13.15 -7.45
CA ARG A 356 -14.90 12.45 -8.74
CA ARG A 356 -14.90 12.45 -8.74
C ARG A 356 -14.04 13.17 -9.77
N SER A 357 -14.04 14.50 -9.73
CA SER A 357 -13.31 15.32 -10.70
C SER A 357 -11.89 15.71 -10.23
N PHE A 358 -11.45 15.13 -9.12
CA PHE A 358 -10.12 15.40 -8.57
C PHE A 358 -9.86 16.88 -8.25
N HIS A 359 -10.87 17.54 -7.65
CA HIS A 359 -10.72 18.91 -7.15
C HIS A 359 -10.65 18.96 -5.64
N THR A 360 -9.97 17.98 -5.05
CA THR A 360 -9.71 17.95 -3.60
C THR A 360 -8.25 18.34 -3.41
#